data_4JE0
#
_entry.id   4JE0
#
_cell.length_a   133.308
_cell.length_b   58.363
_cell.length_c   112.362
_cell.angle_alpha   90.00
_cell.angle_beta   111.14
_cell.angle_gamma   90.00
#
_symmetry.space_group_name_H-M   'C 1 2 1'
#
loop_
_entity.id
_entity.type
_entity.pdbx_description
1 polymer 'Ser-Asp rich fibrinogen/bone sialoprotein-binding protein SdrD'
2 non-polymer 'CALCIUM ION'
3 water water
#
_entity_poly.entity_id   1
_entity_poly.type   'polypeptide(L)'
_entity_poly.pdbx_seq_one_letter_code
;GPLGSKNVNDLITSNTTLTVVDADKNNKIVPAQDYLALKSQIKVDDKVKSGDYFTIKYSDTVQVYGLNPEDIKNIGDIKD
PNNGETIATAKHDTANNLITYTFTDYVDRFNSVQ(MSE)GINYSIY(MSE)DADTIPVSKNDVEFNVTIGNDTTKTTANI
QYPDYVSRDNNSIGSAFTETVSHAGNAEDPGYYKQTVYVNPSEKSLTNAKLKVEAYHKDYPDNVGQINKDVTKIKIYQAP
KDYVLNKGYDVNTNQLIDVTEQFKDKITYGANDSVNVDFGSINNSYVV(MSE)VDTKFEYTTSESPTLVQ(MSE)ATLTS
DGNRSVSTGNAA
;
_entity_poly.pdbx_strand_id   A,B
#
# COMPACT_ATOMS: atom_id res chain seq x y z
N LYS A 6 8.85 -23.00 29.55
CA LYS A 6 10.08 -22.25 29.34
C LYS A 6 9.80 -20.77 29.06
N ASN A 7 8.77 -20.47 28.27
CA ASN A 7 8.29 -19.10 28.18
C ASN A 7 7.55 -18.80 29.48
N VAL A 8 8.09 -17.89 30.28
CA VAL A 8 7.51 -17.63 31.59
C VAL A 8 6.90 -16.24 31.72
N ASN A 9 6.41 -15.69 30.61
CA ASN A 9 5.72 -14.41 30.67
C ASN A 9 4.59 -14.47 31.69
N ASP A 10 4.00 -15.65 31.82
CA ASP A 10 2.92 -15.90 32.75
C ASP A 10 3.37 -15.86 34.22
N LEU A 11 4.68 -15.87 34.45
CA LEU A 11 5.19 -15.90 35.80
C LEU A 11 5.90 -14.60 36.19
N ILE A 12 5.81 -13.60 35.32
CA ILE A 12 6.35 -12.30 35.65
C ILE A 12 5.26 -11.24 35.81
N THR A 13 5.53 -10.31 36.72
CA THR A 13 4.60 -9.29 37.15
C THR A 13 5.44 -8.02 37.11
N SER A 14 4.86 -6.90 36.70
CA SER A 14 5.67 -5.69 36.59
C SER A 14 4.91 -4.41 36.91
N ASN A 15 5.66 -3.40 37.35
CA ASN A 15 5.14 -2.05 37.48
C ASN A 15 5.99 -1.15 36.59
N THR A 16 5.36 -0.55 35.60
CA THR A 16 6.09 0.08 34.50
C THR A 16 5.59 1.48 34.21
N THR A 17 6.52 2.36 33.82
CA THR A 17 6.17 3.68 33.28
C THR A 17 6.80 3.87 31.90
N LEU A 18 6.03 4.48 31.00
CA LEU A 18 6.52 4.83 29.69
C LEU A 18 6.26 6.33 29.50
N THR A 19 7.33 7.12 29.45
CA THR A 19 7.22 8.57 29.50
C THR A 19 7.89 9.27 28.32
N VAL A 20 7.15 10.14 27.65
CA VAL A 20 7.74 10.99 26.63
C VAL A 20 8.58 12.06 27.29
N VAL A 21 9.84 12.17 26.88
CA VAL A 21 10.67 13.27 27.33
C VAL A 21 11.00 14.25 26.19
N ASP A 22 10.53 15.47 26.36
CA ASP A 22 10.83 16.57 25.46
C ASP A 22 12.25 17.01 25.78
N ALA A 23 13.22 16.47 25.05
CA ALA A 23 14.63 16.55 25.43
C ALA A 23 15.32 17.87 25.10
N ASP A 24 14.80 18.62 24.15
CA ASP A 24 15.40 19.90 23.78
C ASP A 24 14.66 21.07 24.42
N LYS A 25 13.64 20.74 25.20
CA LYS A 25 12.86 21.73 25.94
C LYS A 25 12.25 22.85 25.11
N ASN A 26 11.99 22.59 23.83
CA ASN A 26 11.01 23.39 23.12
C ASN A 26 9.65 22.97 23.71
N ASN A 27 8.56 23.13 23.01
CA ASN A 27 7.34 22.55 23.58
C ASN A 27 6.68 21.61 22.61
N LYS A 28 7.52 20.93 21.82
CA LYS A 28 7.03 20.07 20.75
C LYS A 28 7.73 18.72 20.78
N ILE A 29 6.98 17.69 20.42
CA ILE A 29 7.50 16.32 20.41
C ILE A 29 7.77 15.84 18.98
N VAL A 30 9.03 15.53 18.73
CA VAL A 30 9.49 15.16 17.39
C VAL A 30 10.45 13.99 17.53
N PRO A 31 10.23 12.93 16.74
CA PRO A 31 11.08 11.73 16.77
C PRO A 31 12.57 12.01 16.67
N ALA A 32 12.97 12.99 15.87
CA ALA A 32 14.37 13.28 15.65
C ALA A 32 15.08 13.87 16.87
N GLN A 33 14.34 14.54 17.76
CA GLN A 33 14.96 15.29 18.85
C GLN A 33 14.59 14.79 20.25
N ASP A 34 13.50 14.03 20.34
CA ASP A 34 13.00 13.58 21.64
C ASP A 34 13.03 12.06 21.76
N TYR A 35 12.68 11.53 22.94
CA TYR A 35 12.72 10.09 23.14
C TYR A 35 11.75 9.60 24.20
N LEU A 36 11.82 8.30 24.50
CA LEU A 36 10.91 7.65 25.43
C LEU A 36 11.71 7.02 26.56
N ALA A 37 11.33 7.30 27.80
CA ALA A 37 11.96 6.69 28.97
C ALA A 37 11.13 5.52 29.45
N LEU A 38 11.69 4.31 29.35
CA LEU A 38 11.00 3.14 29.87
C LEU A 38 11.62 2.73 31.19
N LYS A 39 10.77 2.58 32.20
CA LYS A 39 11.24 2.18 33.52
C LYS A 39 10.32 1.10 34.05
N SER A 40 10.90 0.05 34.63
CA SER A 40 10.10 -1.06 35.13
C SER A 40 10.80 -1.80 36.26
N GLN A 41 10.00 -2.17 37.25
CA GLN A 41 10.42 -3.12 38.25
C GLN A 41 9.65 -4.41 37.97
N ILE A 42 10.37 -5.51 37.76
CA ILE A 42 9.75 -6.76 37.37
C ILE A 42 9.98 -7.82 38.43
N LYS A 43 8.93 -8.50 38.82
CA LYS A 43 9.02 -9.59 39.79
C LYS A 43 8.89 -10.94 39.09
N VAL A 44 9.66 -11.91 39.58
CA VAL A 44 9.77 -13.22 38.93
C VAL A 44 9.37 -14.31 39.93
N ASP A 45 8.42 -15.15 39.55
CA ASP A 45 7.95 -16.20 40.45
C ASP A 45 9.09 -17.17 40.74
N ASP A 46 9.12 -17.69 41.97
CA ASP A 46 10.18 -18.62 42.38
C ASP A 46 10.27 -19.84 41.47
N LYS A 47 9.15 -20.22 40.88
CA LYS A 47 9.07 -21.41 40.02
C LYS A 47 9.91 -21.28 38.76
N VAL A 48 10.31 -20.06 38.43
CA VAL A 48 11.13 -19.83 37.25
C VAL A 48 12.53 -20.40 37.46
N LYS A 49 13.01 -21.14 36.47
CA LYS A 49 14.32 -21.78 36.54
C LYS A 49 15.24 -21.31 35.43
N SER A 50 16.52 -21.62 35.57
CA SER A 50 17.53 -21.27 34.58
C SER A 50 17.14 -21.79 33.22
N GLY A 51 17.31 -20.97 32.18
CA GLY A 51 16.95 -21.36 30.84
C GLY A 51 15.55 -20.93 30.44
N ASP A 52 14.73 -20.58 31.42
CA ASP A 52 13.42 -20.01 31.11
C ASP A 52 13.64 -18.61 30.56
N TYR A 53 12.65 -18.08 29.85
CA TYR A 53 12.79 -16.77 29.24
C TYR A 53 11.50 -15.97 29.26
N PHE A 54 11.63 -14.64 29.20
CA PHE A 54 10.47 -13.78 29.03
C PHE A 54 10.74 -12.76 27.94
N THR A 55 9.69 -12.14 27.43
CA THR A 55 9.87 -11.20 26.33
C THR A 55 9.42 -9.79 26.65
N ILE A 56 10.04 -8.81 25.99
CA ILE A 56 9.52 -7.47 25.95
C ILE A 56 9.26 -7.13 24.49
N LYS A 57 8.03 -6.71 24.18
CA LYS A 57 7.72 -6.26 22.83
C LYS A 57 7.35 -4.78 22.82
N TYR A 58 7.24 -4.17 21.64
CA TYR A 58 6.93 -2.76 21.57
C TYR A 58 6.21 -2.42 20.27
N SER A 59 5.46 -1.32 20.26
CA SER A 59 4.64 -0.95 19.10
C SER A 59 5.46 -0.63 17.86
N ASP A 60 4.79 -0.63 16.71
CA ASP A 60 5.43 -0.26 15.45
C ASP A 60 5.87 1.20 15.40
N THR A 61 5.38 1.99 16.38
CA THR A 61 5.79 3.37 16.54
C THR A 61 7.02 3.53 17.44
N VAL A 62 7.55 2.41 17.92
CA VAL A 62 8.72 2.42 18.80
C VAL A 62 9.89 1.67 18.18
N GLN A 63 11.10 2.20 18.37
CA GLN A 63 12.32 1.46 18.06
C GLN A 63 13.30 1.57 19.23
N VAL A 64 14.25 0.65 19.34
CA VAL A 64 15.12 0.62 20.52
C VAL A 64 16.49 1.25 20.28
N TYR A 65 16.62 1.94 19.15
CA TYR A 65 17.84 2.67 18.86
C TYR A 65 17.42 3.91 18.11
N GLY A 66 18.24 4.94 18.14
CA GLY A 66 17.96 6.16 17.41
C GLY A 66 18.70 6.20 16.09
N LEU A 67 19.77 6.98 16.05
CA LEU A 67 20.57 7.17 14.83
C LEU A 67 21.58 6.07 14.61
N ASN A 68 21.91 5.34 15.66
CA ASN A 68 22.93 4.30 15.60
C ASN A 68 22.36 2.92 15.91
N PRO A 69 22.20 2.08 14.87
CA PRO A 69 21.65 0.74 15.04
C PRO A 69 22.49 -0.18 15.93
N GLU A 70 23.77 0.15 16.12
CA GLU A 70 24.62 -0.61 17.04
C GLU A 70 24.25 -0.35 18.49
N ASP A 71 23.47 0.71 18.72
CA ASP A 71 23.11 1.06 20.10
C ASP A 71 22.09 0.11 20.72
N ILE A 72 21.68 -0.91 19.97
CA ILE A 72 20.89 -1.98 20.58
C ILE A 72 21.71 -2.60 21.71
N LYS A 73 23.03 -2.46 21.64
CA LYS A 73 23.95 -2.95 22.68
C LYS A 73 23.64 -2.35 24.07
N ASN A 74 23.10 -1.13 24.07
CA ASN A 74 22.85 -0.40 25.31
C ASN A 74 21.70 -0.95 26.13
N ILE A 75 20.82 -1.72 25.49
CA ILE A 75 19.78 -2.45 26.18
C ILE A 75 20.27 -3.89 26.25
N GLY A 76 20.89 -4.22 27.38
CA GLY A 76 21.60 -5.48 27.51
C GLY A 76 21.12 -6.40 28.63
N ASP A 77 22.05 -7.18 29.17
CA ASP A 77 21.69 -8.15 30.18
C ASP A 77 21.15 -7.45 31.42
N ILE A 78 20.19 -8.08 32.08
CA ILE A 78 19.65 -7.54 33.32
C ILE A 78 20.52 -8.05 34.46
N LYS A 79 21.09 -7.13 35.25
CA LYS A 79 21.96 -7.52 36.36
C LYS A 79 21.41 -7.07 37.71
N ASP A 80 21.76 -7.82 38.75
CA ASP A 80 21.46 -7.43 40.12
C ASP A 80 22.51 -6.40 40.54
N PRO A 81 22.08 -5.16 40.85
CA PRO A 81 23.01 -4.07 41.14
C PRO A 81 23.75 -4.24 42.46
N ASN A 82 23.24 -5.10 43.33
CA ASN A 82 23.85 -5.31 44.64
C ASN A 82 25.08 -6.21 44.59
N ASN A 83 25.03 -7.25 43.76
CA ASN A 83 26.15 -8.18 43.65
C ASN A 83 26.76 -8.25 42.25
N GLY A 84 26.16 -7.55 41.30
CA GLY A 84 26.67 -7.49 39.93
C GLY A 84 26.47 -8.75 39.12
N GLU A 85 25.63 -9.66 39.62
CA GLU A 85 25.40 -10.91 38.92
C GLU A 85 24.36 -10.74 37.81
N THR A 86 24.50 -11.53 36.76
CA THR A 86 23.56 -11.49 35.63
C THR A 86 22.33 -12.34 35.92
N ILE A 87 21.17 -11.70 35.89
CA ILE A 87 19.91 -12.38 36.14
C ILE A 87 19.35 -13.00 34.85
N ALA A 88 19.33 -12.20 33.79
CA ALA A 88 18.89 -12.66 32.46
C ALA A 88 19.74 -12.06 31.36
N THR A 89 20.03 -12.84 30.33
CA THR A 89 20.76 -12.32 29.16
C THR A 89 19.77 -11.87 28.09
N ALA A 90 20.10 -10.76 27.41
CA ALA A 90 19.19 -10.15 26.46
C ALA A 90 19.58 -10.40 25.00
N LYS A 91 18.58 -10.70 24.18
CA LYS A 91 18.80 -10.79 22.73
C LYS A 91 17.73 -10.00 22.00
N HIS A 92 18.15 -9.21 21.02
CA HIS A 92 17.20 -8.39 20.27
C HIS A 92 16.79 -9.07 18.98
N ASP A 93 15.56 -8.81 18.58
CA ASP A 93 15.12 -9.05 17.21
C ASP A 93 14.35 -7.80 16.80
N THR A 94 15.09 -6.76 16.42
CA THR A 94 14.50 -5.46 16.11
C THR A 94 13.50 -5.56 14.95
N ALA A 95 13.76 -6.49 14.03
CA ALA A 95 12.89 -6.66 12.87
C ALA A 95 11.49 -7.06 13.30
N ASN A 96 11.39 -7.69 14.47
CA ASN A 96 10.11 -8.12 15.01
C ASN A 96 9.74 -7.44 16.33
N ASN A 97 10.36 -6.30 16.60
CA ASN A 97 10.04 -5.47 17.76
C ASN A 97 9.99 -6.31 19.02
N LEU A 98 11.06 -7.07 19.22
CA LEU A 98 11.10 -8.06 20.29
C LEU A 98 12.44 -8.04 20.99
N ILE A 99 12.41 -8.20 22.32
CA ILE A 99 13.62 -8.44 23.09
C ILE A 99 13.31 -9.71 23.91
N THR A 100 14.28 -10.63 23.96
CA THR A 100 14.08 -11.88 24.71
C THR A 100 15.12 -11.96 25.83
N TYR A 101 14.66 -12.29 27.03
CA TYR A 101 15.57 -12.34 28.16
C TYR A 101 15.59 -13.75 28.74
N THR A 102 16.78 -14.35 28.79
CA THR A 102 16.92 -15.73 29.20
C THR A 102 17.56 -15.79 30.58
N PHE A 103 16.85 -16.40 31.52
CA PHE A 103 17.33 -16.46 32.90
C PHE A 103 18.56 -17.34 33.07
N THR A 104 19.48 -16.87 33.92
CA THR A 104 20.66 -17.63 34.29
C THR A 104 20.34 -18.42 35.55
N ASP A 105 21.34 -19.07 36.16
CA ASP A 105 21.05 -19.87 37.35
C ASP A 105 20.87 -18.99 38.59
N TYR A 106 20.95 -17.68 38.41
CA TYR A 106 20.60 -16.73 39.45
C TYR A 106 19.23 -17.07 40.02
N VAL A 107 18.29 -17.43 39.14
CA VAL A 107 16.93 -17.74 39.58
C VAL A 107 16.80 -19.10 40.27
N ASP A 108 17.88 -19.86 40.27
CA ASP A 108 17.91 -21.14 40.99
C ASP A 108 18.46 -20.93 42.37
N ARG A 109 19.40 -20.01 42.50
CA ARG A 109 20.11 -19.76 43.75
C ARG A 109 19.39 -18.72 44.62
N PHE A 110 18.68 -17.79 43.99
CA PHE A 110 17.94 -16.75 44.70
C PHE A 110 16.44 -16.97 44.61
N ASN A 111 15.73 -16.68 45.70
CA ASN A 111 14.27 -16.62 45.67
C ASN A 111 13.86 -15.15 45.69
N SER A 112 12.58 -14.87 45.50
CA SER A 112 12.07 -13.50 45.50
C SER A 112 12.89 -12.63 44.55
N VAL A 113 13.11 -13.15 43.35
CA VAL A 113 13.88 -12.43 42.34
C VAL A 113 13.11 -11.25 41.79
N GLN A 114 13.77 -10.09 41.72
CA GLN A 114 13.21 -8.97 40.98
C GLN A 114 14.29 -8.18 40.26
N GLY A 116 15.30 -4.64 37.67
CA GLY A 116 14.95 -3.29 37.25
C GLY A 116 15.44 -3.06 35.84
N ILE A 117 14.64 -2.36 35.05
CA ILE A 117 15.16 -1.84 33.79
C ILE A 117 14.89 -0.34 33.70
N ASN A 118 15.83 0.35 33.06
CA ASN A 118 15.80 1.79 32.92
C ASN A 118 16.38 2.09 31.54
N TYR A 119 15.49 2.12 30.54
CA TYR A 119 15.88 2.22 29.15
C TYR A 119 15.46 3.53 28.50
N SER A 120 16.34 4.07 27.65
CA SER A 120 15.95 5.11 26.72
C SER A 120 15.61 4.47 25.38
N ILE A 121 14.36 4.60 24.94
CA ILE A 121 13.97 4.10 23.62
C ILE A 121 13.40 5.23 22.77
N TYR A 122 13.06 4.93 21.53
CA TYR A 122 12.84 5.98 20.55
C TYR A 122 11.57 5.82 19.73
N ASP A 124 9.61 5.75 16.24
CA ASP A 124 9.87 5.34 14.86
C ASP A 124 8.95 6.15 13.96
N ALA A 125 9.53 6.96 13.08
CA ALA A 125 8.76 7.87 12.22
C ALA A 125 8.12 7.19 11.00
N ASP A 126 8.39 5.91 10.78
CA ASP A 126 7.89 5.21 9.59
C ASP A 126 6.38 5.35 9.36
N THR A 127 5.61 5.23 10.43
CA THR A 127 4.16 5.33 10.34
C THR A 127 3.66 6.70 10.79
N ILE A 128 4.58 7.65 10.96
CA ILE A 128 4.22 8.99 11.38
C ILE A 128 4.73 10.02 10.37
N PRO A 129 4.16 10.03 9.14
CA PRO A 129 4.69 10.90 8.08
C PRO A 129 4.39 12.38 8.31
N VAL A 130 3.37 12.68 9.10
CA VAL A 130 3.01 14.09 9.30
C VAL A 130 2.56 14.35 10.74
N SER A 131 2.51 15.63 11.14
CA SER A 131 2.02 16.00 12.46
C SER A 131 0.65 15.39 12.76
N LYS A 132 0.54 14.74 13.90
CA LYS A 132 -0.67 14.04 14.28
C LYS A 132 -0.77 14.09 15.79
N ASN A 133 -1.99 14.25 16.30
CA ASN A 133 -2.19 14.28 17.75
C ASN A 133 -2.47 12.89 18.27
N ASP A 134 -2.16 12.66 19.54
CA ASP A 134 -2.49 11.41 20.21
C ASP A 134 -1.96 10.16 19.50
N VAL A 135 -0.69 10.18 19.10
CA VAL A 135 -0.05 9.01 18.53
C VAL A 135 0.35 8.10 19.68
N GLU A 136 0.01 6.82 19.59
CA GLU A 136 0.25 5.89 20.71
C GLU A 136 1.59 5.15 20.60
N PHE A 137 2.32 5.13 21.71
CA PHE A 137 3.52 4.32 21.83
C PHE A 137 3.29 3.34 22.95
N ASN A 138 3.63 2.08 22.75
CA ASN A 138 3.44 1.10 23.82
C ASN A 138 4.53 0.04 23.93
N VAL A 139 4.69 -0.53 25.12
CA VAL A 139 5.67 -1.56 25.38
C VAL A 139 4.92 -2.63 26.14
N THR A 140 5.22 -3.89 25.83
CA THR A 140 4.61 -5.01 26.56
C THR A 140 5.68 -5.81 27.31
N ILE A 141 5.60 -5.80 28.64
CA ILE A 141 6.53 -6.54 29.50
C ILE A 141 5.86 -7.84 29.92
N GLY A 142 6.33 -8.96 29.39
CA GLY A 142 5.63 -10.22 29.59
C GLY A 142 4.29 -10.18 28.89
N ASN A 143 3.21 -10.19 29.67
CA ASN A 143 1.88 -10.08 29.08
C ASN A 143 1.23 -8.71 29.33
N ASP A 144 1.94 -7.83 30.03
CA ASP A 144 1.39 -6.54 30.43
C ASP A 144 1.83 -5.37 29.54
N THR A 145 0.85 -4.68 28.98
CA THR A 145 1.13 -3.56 28.10
C THR A 145 1.02 -2.21 28.83
N THR A 146 1.97 -1.32 28.55
CA THR A 146 1.94 0.05 29.04
C THR A 146 1.86 0.98 27.86
N LYS A 147 0.87 1.87 27.87
CA LYS A 147 0.63 2.77 26.75
C LYS A 147 0.89 4.21 27.14
N THR A 148 1.44 4.97 26.20
CA THR A 148 1.47 6.41 26.35
C THR A 148 1.22 7.06 25.00
N THR A 149 0.75 8.29 25.04
CA THR A 149 0.33 8.97 23.83
C THR A 149 1.05 10.30 23.75
N ALA A 150 1.35 10.76 22.54
CA ALA A 150 1.99 12.05 22.35
C ALA A 150 1.47 12.76 21.12
N ASN A 151 1.46 14.09 21.17
CA ASN A 151 1.11 14.91 20.03
C ASN A 151 2.37 15.26 19.24
N ILE A 152 2.50 14.67 18.06
CA ILE A 152 3.69 14.91 17.25
C ILE A 152 3.49 16.18 16.44
N GLN A 153 4.47 17.08 16.52
CA GLN A 153 4.43 18.35 15.80
C GLN A 153 5.77 18.58 15.14
N TYR A 154 5.91 18.16 13.89
CA TYR A 154 7.14 18.35 13.15
C TYR A 154 7.37 19.84 12.89
N PRO A 155 8.63 20.25 12.69
CA PRO A 155 8.93 21.65 12.38
C PRO A 155 8.72 21.95 10.90
N ASP A 156 8.57 23.22 10.54
CA ASP A 156 8.48 23.64 9.15
C ASP A 156 9.78 23.31 8.43
N TYR A 157 9.70 23.07 7.12
CA TYR A 157 10.91 23.07 6.30
C TYR A 157 11.46 24.49 6.28
N VAL A 158 12.73 24.65 5.91
CA VAL A 158 13.36 25.97 5.89
C VAL A 158 13.11 26.64 4.53
N SER A 159 12.75 27.91 4.54
CA SER A 159 12.39 28.57 3.29
C SER A 159 12.92 29.99 3.25
N ARG A 160 13.38 30.40 2.07
CA ARG A 160 13.68 31.80 1.78
C ARG A 160 13.32 32.04 0.31
N ASP A 161 12.51 33.06 0.05
CA ASP A 161 11.93 33.25 -1.28
C ASP A 161 11.29 31.96 -1.79
N ASN A 162 11.64 31.56 -3.01
CA ASN A 162 11.08 30.34 -3.59
C ASN A 162 11.89 29.07 -3.31
N ASN A 163 13.01 29.20 -2.60
CA ASN A 163 13.80 28.02 -2.21
C ASN A 163 13.37 27.41 -0.87
N SER A 164 13.25 26.09 -0.84
CA SER A 164 12.89 25.37 0.37
C SER A 164 13.75 24.12 0.51
N ILE A 165 14.00 23.71 1.74
CA ILE A 165 14.91 22.60 2.00
C ILE A 165 14.68 22.02 3.39
N GLY A 166 15.03 20.75 3.56
CA GLY A 166 15.03 20.11 4.86
C GLY A 166 16.08 19.02 4.87
N SER A 167 16.61 18.67 6.04
CA SER A 167 17.64 17.66 6.09
C SER A 167 17.66 17.00 7.44
N ALA A 168 18.20 15.78 7.47
CA ALA A 168 18.36 15.04 8.72
C ALA A 168 19.40 13.95 8.53
N PHE A 169 20.16 13.68 9.58
CA PHE A 169 20.96 12.47 9.64
C PHE A 169 19.99 11.33 9.92
N THR A 170 20.15 10.21 9.24
CA THR A 170 19.25 9.06 9.44
C THR A 170 19.96 7.89 10.09
N GLU A 171 21.27 7.86 9.93
CA GLU A 171 22.11 6.83 10.55
C GLU A 171 23.47 7.42 10.82
N THR A 172 23.95 7.29 12.05
CA THR A 172 25.30 7.74 12.41
C THR A 172 26.02 6.65 13.18
N VAL A 173 26.99 6.01 12.51
CA VAL A 173 27.71 4.90 13.13
C VAL A 173 29.22 5.15 13.17
N SER A 174 29.71 5.69 14.28
CA SER A 174 31.15 5.89 14.46
C SER A 174 31.78 4.80 15.32
N HIS A 175 32.94 4.31 14.89
CA HIS A 175 33.69 3.30 15.64
C HIS A 175 34.97 3.93 16.17
N ALA A 176 34.91 4.49 17.37
CA ALA A 176 36.06 5.16 17.97
C ALA A 176 37.27 4.24 18.05
N GLY A 177 38.43 4.74 17.62
CA GLY A 177 39.66 3.99 17.67
C GLY A 177 39.80 2.86 16.66
N ASN A 178 38.93 2.86 15.64
CA ASN A 178 39.03 1.86 14.58
C ASN A 178 39.47 2.51 13.27
N ALA A 179 40.63 2.09 12.76
CA ALA A 179 41.22 2.72 11.58
C ALA A 179 41.01 1.93 10.30
N GLU A 180 40.60 0.67 10.43
CA GLU A 180 40.19 -0.08 9.25
C GLU A 180 38.76 0.29 8.92
N ASP A 181 37.96 0.52 9.97
CA ASP A 181 36.54 0.80 9.82
C ASP A 181 36.06 1.88 10.79
N PRO A 182 36.33 3.15 10.49
CA PRO A 182 35.93 4.27 11.36
C PRO A 182 34.42 4.47 11.36
N GLY A 183 33.75 3.88 10.38
CA GLY A 183 32.30 3.91 10.32
C GLY A 183 31.75 4.85 9.26
N TYR A 184 30.45 5.06 9.29
CA TYR A 184 29.76 5.80 8.23
C TYR A 184 28.58 6.60 8.78
N TYR A 185 28.10 7.57 8.01
CA TYR A 185 26.84 8.24 8.37
C TYR A 185 26.05 8.62 7.13
N LYS A 186 24.72 8.71 7.26
CA LYS A 186 23.84 9.05 6.16
C LYS A 186 23.02 10.30 6.47
N GLN A 187 22.83 11.14 5.45
CA GLN A 187 22.02 12.34 5.57
C GLN A 187 21.06 12.36 4.40
N THR A 188 19.82 12.70 4.68
CA THR A 188 18.82 12.84 3.64
C THR A 188 18.45 14.30 3.55
N VAL A 189 18.40 14.82 2.33
CA VAL A 189 18.02 16.21 2.11
C VAL A 189 16.79 16.23 1.24
N TYR A 190 15.78 16.98 1.67
CA TYR A 190 14.63 17.25 0.82
C TYR A 190 14.89 18.55 0.07
N VAL A 191 14.91 18.48 -1.26
CA VAL A 191 15.12 19.66 -2.11
C VAL A 191 13.78 20.07 -2.66
N ASN A 192 13.47 21.36 -2.55
CA ASN A 192 12.21 21.88 -3.09
C ASN A 192 10.92 21.22 -2.54
N PRO A 193 10.82 21.00 -1.21
CA PRO A 193 9.58 20.37 -0.75
C PRO A 193 8.32 21.21 -0.95
N SER A 194 8.45 22.51 -1.20
CA SER A 194 7.29 23.36 -1.43
C SER A 194 6.84 23.29 -2.89
N GLU A 195 7.58 22.55 -3.71
CA GLU A 195 7.24 22.28 -5.12
C GLU A 195 7.10 23.54 -5.93
N LYS A 196 8.15 24.36 -5.89
CA LYS A 196 8.10 25.57 -6.69
C LYS A 196 8.92 25.42 -7.96
N SER A 197 8.75 26.38 -8.88
CA SER A 197 9.39 26.30 -10.18
C SER A 197 10.73 27.01 -10.12
N LEU A 198 11.79 26.22 -10.04
CA LEU A 198 13.12 26.76 -9.82
C LEU A 198 13.90 26.67 -11.12
N THR A 199 14.76 27.66 -11.35
CA THR A 199 15.67 27.63 -12.47
C THR A 199 17.10 27.61 -11.95
N ASN A 200 17.97 26.87 -12.64
CA ASN A 200 19.37 26.76 -12.26
C ASN A 200 19.50 26.38 -10.79
N ALA A 201 18.66 25.45 -10.35
CA ALA A 201 18.64 24.98 -8.96
C ALA A 201 19.87 24.13 -8.67
N LYS A 202 20.57 24.43 -7.58
CA LYS A 202 21.74 23.64 -7.22
C LYS A 202 21.76 23.36 -5.72
N LEU A 203 22.15 22.15 -5.35
CA LEU A 203 22.31 21.79 -3.96
C LEU A 203 23.78 21.61 -3.62
N LYS A 204 24.23 22.27 -2.56
CA LYS A 204 25.58 22.09 -2.07
C LYS A 204 25.50 21.47 -0.69
N VAL A 205 26.12 20.29 -0.53
CA VAL A 205 26.26 19.63 0.77
C VAL A 205 27.74 19.69 1.20
N GLU A 206 28.00 20.09 2.44
CA GLU A 206 29.38 20.25 2.90
C GLU A 206 29.59 19.77 4.33
N ALA A 207 30.52 18.84 4.50
CA ALA A 207 30.98 18.48 5.83
C ALA A 207 31.99 19.53 6.30
N TYR A 208 31.52 20.75 6.44
CA TYR A 208 32.39 21.86 6.83
C TYR A 208 31.57 22.89 7.57
N HIS A 209 32.11 23.34 8.69
CA HIS A 209 31.59 24.50 9.37
C HIS A 209 32.80 25.13 10.03
N LYS A 210 32.95 26.44 9.84
CA LYS A 210 34.12 27.13 10.33
C LYS A 210 34.31 26.97 11.84
N ASP A 211 33.19 26.82 12.55
CA ASP A 211 33.20 26.83 14.01
C ASP A 211 33.45 25.46 14.61
N TYR A 212 33.57 24.45 13.74
CA TYR A 212 33.79 23.09 14.20
C TYR A 212 34.96 22.43 13.49
N PRO A 213 36.19 22.86 13.84
CA PRO A 213 37.39 22.38 13.15
C PRO A 213 37.66 20.91 13.41
N ASP A 214 37.05 20.35 14.45
CA ASP A 214 37.27 18.96 14.78
C ASP A 214 36.19 18.05 14.21
N ASN A 215 35.41 18.60 13.29
CA ASN A 215 34.43 17.84 12.51
C ASN A 215 35.03 16.53 11.99
N VAL A 216 34.32 15.43 12.17
CA VAL A 216 34.77 14.14 11.64
C VAL A 216 34.01 13.77 10.37
N GLY A 217 33.17 14.70 9.91
CA GLY A 217 32.50 14.55 8.63
C GLY A 217 33.46 14.50 7.46
N GLN A 218 33.06 13.87 6.37
CA GLN A 218 33.91 13.75 5.19
C GLN A 218 33.11 13.64 3.89
N ILE A 219 33.39 14.52 2.94
CA ILE A 219 32.72 14.49 1.64
C ILE A 219 33.74 14.56 0.50
N ASN A 220 33.86 13.48 -0.28
CA ASN A 220 34.71 13.44 -1.46
C ASN A 220 34.37 12.26 -2.37
N LYS A 221 34.99 12.22 -3.55
CA LYS A 221 34.64 11.21 -4.55
C LYS A 221 35.00 9.78 -4.15
N ASP A 222 35.97 9.61 -3.28
CA ASP A 222 36.42 8.27 -2.89
C ASP A 222 35.49 7.61 -1.87
N VAL A 223 34.89 8.41 -1.00
CA VAL A 223 34.11 7.86 0.11
C VAL A 223 32.61 8.12 0.02
N THR A 224 32.22 9.23 -0.59
CA THR A 224 30.80 9.62 -0.64
C THR A 224 30.03 8.95 -1.77
N LYS A 225 28.80 8.54 -1.47
CA LYS A 225 27.91 7.98 -2.49
C LYS A 225 26.56 8.68 -2.41
N ILE A 226 26.00 9.00 -3.57
CA ILE A 226 24.77 9.77 -3.58
C ILE A 226 23.66 9.10 -4.38
N LYS A 227 22.47 9.07 -3.82
CA LYS A 227 21.30 8.63 -4.57
C LYS A 227 20.28 9.77 -4.60
N ILE A 228 19.54 9.89 -5.69
CA ILE A 228 18.58 10.95 -5.81
C ILE A 228 17.24 10.41 -6.30
N TYR A 229 16.16 10.80 -5.62
CA TYR A 229 14.83 10.36 -6.00
C TYR A 229 13.96 11.58 -6.29
N GLN A 230 13.05 11.43 -7.23
CA GLN A 230 12.08 12.47 -7.55
C GLN A 230 10.70 12.09 -7.02
N ALA A 231 10.04 13.01 -6.33
CA ALA A 231 8.70 12.73 -5.83
C ALA A 231 7.68 13.21 -6.84
N PRO A 232 6.60 12.43 -7.04
CA PRO A 232 5.54 12.91 -7.93
C PRO A 232 4.87 14.15 -7.34
N LYS A 233 4.20 14.91 -8.20
CA LYS A 233 3.50 16.12 -7.74
C LYS A 233 2.54 15.83 -6.57
N ASP A 234 2.59 16.70 -5.57
CA ASP A 234 1.71 16.65 -4.38
C ASP A 234 1.98 15.52 -3.39
N TYR A 235 3.05 14.75 -3.63
CA TYR A 235 3.40 13.67 -2.72
C TYR A 235 3.75 14.22 -1.36
N VAL A 236 3.26 13.58 -0.30
CA VAL A 236 3.51 14.02 1.05
C VAL A 236 4.74 13.29 1.61
N LEU A 237 5.86 14.01 1.70
CA LEU A 237 7.11 13.44 2.18
C LEU A 237 7.03 13.21 3.68
N ASN A 238 7.66 12.14 4.13
CA ASN A 238 7.67 11.80 5.55
C ASN A 238 8.48 12.85 6.30
N LYS A 239 7.84 13.52 7.25
CA LYS A 239 8.48 14.65 7.91
C LYS A 239 9.56 14.18 8.89
N GLY A 240 9.59 12.87 9.14
CA GLY A 240 10.63 12.29 9.97
C GLY A 240 11.84 11.83 9.18
N TYR A 241 11.85 12.12 7.87
CA TYR A 241 12.90 11.70 6.95
C TYR A 241 13.02 10.18 6.85
N ASP A 242 11.94 9.49 7.16
CA ASP A 242 11.88 8.04 7.00
C ASP A 242 11.21 7.79 5.66
N VAL A 243 11.99 7.72 4.59
CA VAL A 243 11.39 7.69 3.27
C VAL A 243 11.23 6.28 2.71
N ASN A 244 10.12 6.11 2.00
CA ASN A 244 9.81 4.90 1.29
C ASN A 244 10.27 5.05 -0.16
N THR A 245 11.47 4.58 -0.46
CA THR A 245 12.04 4.81 -1.78
C THR A 245 11.24 4.11 -2.87
N ASN A 246 10.50 3.07 -2.50
CA ASN A 246 9.66 2.38 -3.46
C ASN A 246 8.54 3.26 -4.03
N GLN A 247 8.15 4.28 -3.26
CA GLN A 247 7.15 5.23 -3.73
C GLN A 247 7.70 6.38 -4.54
N LEU A 248 9.02 6.44 -4.71
CA LEU A 248 9.64 7.53 -5.47
C LEU A 248 10.34 7.02 -6.73
N ILE A 249 10.61 7.94 -7.65
CA ILE A 249 11.32 7.62 -8.88
C ILE A 249 12.82 7.78 -8.69
N ASP A 250 13.57 6.69 -8.82
CA ASP A 250 15.04 6.78 -8.74
C ASP A 250 15.59 7.46 -9.99
N VAL A 251 16.21 8.63 -9.83
CA VAL A 251 16.77 9.34 -10.97
C VAL A 251 18.28 9.52 -10.84
N THR A 252 18.88 8.72 -9.95
CA THR A 252 20.33 8.80 -9.70
C THR A 252 21.15 8.73 -10.98
N GLU A 253 20.75 7.85 -11.90
CA GLU A 253 21.45 7.67 -13.16
C GLU A 253 21.38 8.92 -14.02
N GLN A 254 20.28 9.64 -13.89
CA GLN A 254 20.03 10.85 -14.66
C GLN A 254 20.96 11.99 -14.20
N PHE A 255 21.56 11.81 -13.03
CA PHE A 255 22.43 12.83 -12.44
C PHE A 255 23.91 12.46 -12.42
N LYS A 256 24.29 11.42 -13.16
CA LYS A 256 25.67 10.93 -13.11
C LYS A 256 26.69 12.00 -13.48
N ASP A 257 26.26 12.94 -14.32
CA ASP A 257 27.14 13.99 -14.81
C ASP A 257 26.79 15.36 -14.22
N LYS A 258 25.95 15.37 -13.18
CA LYS A 258 25.48 16.59 -12.53
C LYS A 258 26.03 16.72 -11.11
N ILE A 259 26.92 15.83 -10.73
CA ILE A 259 27.43 15.81 -9.36
C ILE A 259 28.93 16.05 -9.38
N THR A 260 29.35 17.15 -8.77
CA THR A 260 30.76 17.53 -8.77
C THR A 260 31.25 17.83 -7.36
N TYR A 261 32.41 17.28 -7.02
CA TYR A 261 32.99 17.52 -5.71
C TYR A 261 33.92 18.74 -5.76
N GLY A 262 33.97 19.47 -4.65
CA GLY A 262 34.77 20.67 -4.58
C GLY A 262 35.56 20.76 -3.29
N ALA A 263 36.16 21.92 -3.06
CA ALA A 263 37.06 22.11 -1.94
C ALA A 263 36.34 22.17 -0.59
N ASN A 264 37.09 21.93 0.48
CA ASN A 264 36.58 21.96 1.85
C ASN A 264 35.37 21.05 2.06
N ASP A 265 35.51 19.80 1.64
CA ASP A 265 34.50 18.75 1.82
C ASP A 265 33.12 19.06 1.28
N SER A 266 33.05 19.58 0.06
CA SER A 266 31.79 19.95 -0.53
C SER A 266 31.43 19.07 -1.72
N VAL A 267 30.13 18.95 -1.98
CA VAL A 267 29.64 18.32 -3.20
C VAL A 267 28.45 19.14 -3.70
N ASN A 268 28.35 19.29 -5.01
CA ASN A 268 27.31 20.10 -5.63
C ASN A 268 26.48 19.27 -6.58
N VAL A 269 25.16 19.42 -6.49
CA VAL A 269 24.27 18.69 -7.36
C VAL A 269 23.49 19.70 -8.20
N ASP A 270 23.68 19.63 -9.52
CA ASP A 270 23.00 20.53 -10.46
C ASP A 270 21.64 19.96 -10.87
N PHE A 271 20.56 20.59 -10.41
CA PHE A 271 19.22 20.11 -10.70
C PHE A 271 18.64 20.80 -11.92
N GLY A 272 19.21 21.95 -12.27
CA GLY A 272 18.71 22.70 -13.42
C GLY A 272 17.33 23.23 -13.12
N SER A 273 16.43 23.11 -14.09
CA SER A 273 15.07 23.60 -13.91
C SER A 273 14.17 22.48 -13.38
N ILE A 274 13.59 22.70 -12.20
CA ILE A 274 12.71 21.71 -11.56
C ILE A 274 11.44 22.34 -11.00
N ASN A 275 10.40 21.53 -10.85
CA ASN A 275 9.20 21.97 -10.12
C ASN A 275 8.69 20.89 -9.17
N ASN A 276 9.40 19.76 -9.14
CA ASN A 276 9.08 18.70 -8.18
C ASN A 276 10.00 18.77 -6.97
N SER A 277 9.62 18.03 -5.93
CA SER A 277 10.48 17.84 -4.76
C SER A 277 11.42 16.67 -5.02
N TYR A 278 12.63 16.75 -4.49
CA TYR A 278 13.62 15.69 -4.68
C TYR A 278 14.18 15.27 -3.34
N VAL A 279 14.53 13.99 -3.23
CA VAL A 279 15.10 13.48 -2.00
C VAL A 279 16.53 13.05 -2.32
N VAL A 280 17.50 13.63 -1.61
CA VAL A 280 18.90 13.33 -1.86
C VAL A 280 19.47 12.57 -0.69
N VAL A 282 22.78 10.94 1.02
CA VAL A 282 24.23 11.03 1.00
C VAL A 282 24.81 10.02 1.98
N ASP A 283 25.56 9.06 1.46
CA ASP A 283 26.19 8.03 2.29
C ASP A 283 27.70 8.24 2.25
N THR A 284 28.31 8.43 3.42
CA THR A 284 29.74 8.73 3.43
C THR A 284 30.44 8.22 4.67
N LYS A 285 31.77 8.26 4.64
CA LYS A 285 32.59 7.69 5.71
C LYS A 285 33.04 8.73 6.71
N PHE A 286 33.05 8.34 7.98
CA PHE A 286 33.55 9.15 9.07
C PHE A 286 35.07 9.25 8.98
N GLU A 287 35.62 10.33 9.52
CA GLU A 287 37.06 10.42 9.75
C GLU A 287 37.40 9.60 10.98
N TYR A 288 38.66 9.17 11.09
CA TYR A 288 39.11 8.46 12.27
C TYR A 288 38.97 9.34 13.49
N THR A 289 38.44 8.78 14.57
CA THR A 289 38.33 9.53 15.81
C THR A 289 38.62 8.64 17.02
N THR A 290 38.75 9.30 18.16
CA THR A 290 39.12 8.64 19.40
C THR A 290 38.01 8.82 20.42
N SER A 291 37.21 9.87 20.22
CA SER A 291 36.08 10.18 21.10
C SER A 291 34.88 9.28 20.82
N GLU A 292 34.12 9.00 21.87
CA GLU A 292 32.88 8.25 21.74
C GLU A 292 31.71 9.19 21.48
N SER A 293 32.00 10.49 21.52
CA SER A 293 31.02 11.52 21.22
C SER A 293 31.62 12.58 20.29
N PRO A 294 31.97 12.18 19.06
CA PRO A 294 32.67 13.12 18.18
C PRO A 294 31.77 14.24 17.68
N THR A 295 32.39 15.27 17.12
CA THR A 295 31.64 16.38 16.53
C THR A 295 31.45 16.07 15.05
N LEU A 296 30.21 16.14 14.57
CA LEU A 296 29.89 15.97 13.14
C LEU A 296 28.98 17.11 12.71
N VAL A 297 29.34 17.81 11.63
CA VAL A 297 28.46 18.84 11.12
C VAL A 297 28.44 18.75 9.61
N GLN A 298 27.24 18.70 9.04
CA GLN A 298 27.09 18.67 7.59
C GLN A 298 25.94 19.59 7.17
N ALA A 300 23.59 21.80 4.27
CA ALA A 300 23.00 21.66 2.94
C ALA A 300 22.42 23.00 2.52
N THR A 301 22.79 23.45 1.32
CA THR A 301 22.36 24.75 0.81
C THR A 301 21.75 24.64 -0.58
N LEU A 302 20.52 25.16 -0.73
CA LEU A 302 19.87 25.22 -2.04
C LEU A 302 19.98 26.64 -2.61
N THR A 303 20.37 26.74 -3.88
CA THR A 303 20.38 28.02 -4.59
C THR A 303 19.57 27.87 -5.87
N SER A 304 19.03 28.98 -6.38
CA SER A 304 18.33 29.00 -7.66
C SER A 304 18.30 30.44 -8.15
N ASP A 305 18.07 30.61 -9.44
CA ASP A 305 18.11 31.94 -10.05
C ASP A 305 16.91 32.76 -9.59
N GLY A 306 17.14 34.02 -9.24
CA GLY A 306 16.07 34.90 -8.86
C GLY A 306 15.61 34.71 -7.43
N ASN A 307 16.34 33.88 -6.69
CA ASN A 307 16.02 33.60 -5.29
C ASN A 307 17.27 33.71 -4.44
N ARG A 308 17.09 34.05 -3.17
CA ARG A 308 18.20 34.01 -2.23
C ARG A 308 18.39 32.57 -1.78
N SER A 309 19.60 32.22 -1.35
CA SER A 309 19.88 30.86 -0.92
C SER A 309 19.09 30.48 0.32
N VAL A 310 18.89 29.17 0.51
CA VAL A 310 18.31 28.67 1.76
C VAL A 310 19.25 27.60 2.30
N SER A 311 19.57 27.68 3.60
CA SER A 311 20.53 26.75 4.16
C SER A 311 19.96 26.03 5.37
N THR A 312 20.35 24.77 5.51
CA THR A 312 20.06 24.03 6.73
C THR A 312 21.22 23.10 7.01
N GLY A 313 21.04 22.10 7.87
CA GLY A 313 22.14 21.23 8.17
C GLY A 313 21.83 20.43 9.41
N ASN A 314 22.74 19.54 9.79
CA ASN A 314 22.56 18.73 10.99
C ASN A 314 23.87 18.60 11.71
N ALA A 315 23.82 18.40 13.01
CA ALA A 315 25.06 18.40 13.79
C ALA A 315 24.94 17.44 14.95
N ALA A 316 26.06 16.75 15.25
CA ALA A 316 26.14 15.87 16.41
C ALA A 316 27.32 16.32 17.27
N GLY B 4 -47.01 -3.44 -28.41
CA GLY B 4 -47.06 -4.77 -27.81
C GLY B 4 -47.62 -5.77 -28.81
N SER B 5 -46.77 -6.28 -29.68
CA SER B 5 -47.25 -7.28 -30.62
C SER B 5 -46.84 -8.70 -30.19
N LYS B 6 -46.39 -9.53 -31.13
CA LYS B 6 -46.17 -10.94 -30.84
C LYS B 6 -44.69 -11.32 -30.71
N ASN B 7 -44.41 -12.31 -29.86
CA ASN B 7 -43.11 -12.96 -29.84
C ASN B 7 -42.92 -13.67 -31.19
N VAL B 8 -41.90 -13.27 -31.94
CA VAL B 8 -41.65 -13.91 -33.24
C VAL B 8 -40.36 -14.69 -33.29
N ASN B 9 -39.95 -15.24 -32.16
CA ASN B 9 -38.75 -16.07 -32.12
C ASN B 9 -38.80 -17.18 -33.15
N ASP B 10 -40.02 -17.71 -33.38
CA ASP B 10 -40.26 -18.78 -34.36
C ASP B 10 -40.07 -18.34 -35.81
N LEU B 11 -40.06 -17.03 -36.03
CA LEU B 11 -39.99 -16.49 -37.37
C LEU B 11 -38.62 -15.87 -37.67
N ILE B 12 -37.64 -16.16 -36.84
CA ILE B 12 -36.29 -15.74 -37.17
C ILE B 12 -35.35 -16.96 -37.23
N THR B 13 -34.36 -16.87 -38.10
CA THR B 13 -33.30 -17.87 -38.19
C THR B 13 -31.98 -17.11 -38.10
N SER B 14 -30.90 -17.82 -37.80
CA SER B 14 -29.64 -17.14 -37.62
C SER B 14 -28.43 -18.01 -37.88
N ASN B 15 -27.33 -17.36 -38.22
CA ASN B 15 -26.04 -18.01 -38.37
C ASN B 15 -25.12 -17.33 -37.36
N THR B 16 -24.68 -18.07 -36.35
CA THR B 16 -24.08 -17.47 -35.15
C THR B 16 -22.78 -18.17 -34.77
N THR B 17 -21.79 -17.39 -34.35
CA THR B 17 -20.61 -17.93 -33.65
C THR B 17 -20.47 -17.30 -32.27
N LEU B 18 -19.98 -18.09 -31.32
CA LEU B 18 -19.67 -17.60 -29.99
C LEU B 18 -18.25 -18.09 -29.72
N THR B 19 -17.33 -17.16 -29.59
CA THR B 19 -15.91 -17.50 -29.55
C THR B 19 -15.22 -16.91 -28.31
N VAL B 20 -14.51 -17.75 -27.57
CA VAL B 20 -13.71 -17.27 -26.45
C VAL B 20 -12.51 -16.52 -26.99
N VAL B 21 -12.33 -15.27 -26.55
CA VAL B 21 -11.18 -14.48 -26.97
C VAL B 21 -10.19 -14.39 -25.81
N ASP B 22 -8.98 -14.92 -26.04
CA ASP B 22 -7.86 -14.78 -25.11
C ASP B 22 -7.25 -13.41 -25.39
N ALA B 23 -7.69 -12.41 -24.65
CA ALA B 23 -7.48 -11.01 -25.02
C ALA B 23 -6.03 -10.61 -24.96
N ASP B 24 -5.33 -11.18 -23.99
CA ASP B 24 -3.91 -10.92 -23.81
C ASP B 24 -3.08 -12.08 -24.34
N LYS B 25 -3.78 -13.03 -24.98
CA LYS B 25 -3.13 -14.14 -25.68
C LYS B 25 -2.08 -14.80 -24.82
N ASN B 26 -2.41 -15.13 -23.57
CA ASN B 26 -1.41 -15.74 -22.70
C ASN B 26 -1.69 -17.21 -22.40
N ASN B 27 -2.60 -17.81 -23.16
CA ASN B 27 -2.96 -19.24 -22.99
C ASN B 27 -3.62 -19.56 -21.67
N LYS B 28 -4.20 -18.54 -21.04
CA LYS B 28 -4.98 -18.71 -19.83
C LYS B 28 -6.27 -17.95 -20.04
N ILE B 29 -7.40 -18.64 -19.85
CA ILE B 29 -8.71 -17.98 -19.94
C ILE B 29 -9.17 -17.57 -18.53
N VAL B 30 -9.35 -16.27 -18.34
CA VAL B 30 -9.65 -15.69 -17.03
C VAL B 30 -10.78 -14.68 -17.23
N PRO B 31 -11.89 -14.83 -16.49
CA PRO B 31 -13.02 -13.91 -16.67
C PRO B 31 -12.65 -12.41 -16.59
N ALA B 32 -11.71 -12.08 -15.72
CA ALA B 32 -11.33 -10.68 -15.57
C ALA B 32 -10.58 -10.07 -16.77
N GLN B 33 -9.94 -10.90 -17.58
CA GLN B 33 -9.08 -10.40 -18.64
C GLN B 33 -9.63 -10.69 -20.01
N ASP B 34 -10.34 -11.80 -20.13
CA ASP B 34 -10.68 -12.30 -21.45
C ASP B 34 -12.17 -12.09 -21.68
N TYR B 35 -12.67 -12.45 -22.86
CA TYR B 35 -14.09 -12.18 -23.13
C TYR B 35 -14.65 -13.11 -24.21
N LEU B 36 -15.93 -12.91 -24.54
CA LEU B 36 -16.58 -13.71 -25.57
C LEU B 36 -17.04 -12.82 -26.71
N ALA B 37 -16.76 -13.24 -27.94
CA ALA B 37 -17.24 -12.54 -29.12
C ALA B 37 -18.46 -13.25 -29.66
N LEU B 38 -19.59 -12.55 -29.67
CA LEU B 38 -20.84 -13.07 -30.25
C LEU B 38 -21.08 -12.41 -31.59
N LYS B 39 -21.19 -13.23 -32.63
CA LYS B 39 -21.48 -12.68 -33.96
C LYS B 39 -22.64 -13.43 -34.58
N SER B 40 -23.61 -12.70 -35.12
CA SER B 40 -24.76 -13.37 -35.73
C SER B 40 -25.29 -12.62 -36.92
N GLN B 41 -25.70 -13.36 -37.93
CA GLN B 41 -26.53 -12.82 -39.00
C GLN B 41 -27.91 -13.41 -38.86
N ILE B 42 -28.91 -12.53 -38.68
CA ILE B 42 -30.26 -12.95 -38.37
C ILE B 42 -31.19 -12.59 -39.53
N LYS B 43 -31.98 -13.57 -39.97
CA LYS B 43 -32.96 -13.34 -41.02
C LYS B 43 -34.35 -13.33 -40.41
N VAL B 44 -35.16 -12.37 -40.85
CA VAL B 44 -36.49 -12.15 -40.30
C VAL B 44 -37.56 -12.44 -41.35
N ASP B 45 -38.54 -13.28 -41.01
CA ASP B 45 -39.63 -13.62 -41.92
C ASP B 45 -40.45 -12.38 -42.30
N ASP B 46 -40.86 -12.29 -43.56
CA ASP B 46 -41.66 -11.16 -44.04
C ASP B 46 -42.97 -10.94 -43.28
N LYS B 47 -43.52 -12.01 -42.71
CA LYS B 47 -44.74 -11.93 -41.91
C LYS B 47 -44.55 -11.07 -40.65
N VAL B 48 -43.31 -10.95 -40.19
CA VAL B 48 -43.03 -10.15 -39.00
C VAL B 48 -43.38 -8.71 -39.22
N LYS B 49 -43.97 -8.08 -38.21
CA LYS B 49 -44.47 -6.72 -38.37
C LYS B 49 -44.05 -5.83 -37.22
N SER B 50 -44.21 -4.52 -37.41
CA SER B 50 -43.84 -3.52 -36.44
C SER B 50 -44.47 -3.82 -35.08
N GLY B 51 -43.65 -3.84 -34.03
CA GLY B 51 -44.15 -4.09 -32.69
C GLY B 51 -43.94 -5.52 -32.24
N ASP B 52 -43.73 -6.43 -33.20
CA ASP B 52 -43.33 -7.80 -32.85
C ASP B 52 -41.97 -7.75 -32.20
N TYR B 53 -41.59 -8.81 -31.49
CA TYR B 53 -40.30 -8.79 -30.81
C TYR B 53 -39.65 -10.14 -30.81
N PHE B 54 -38.32 -10.14 -30.69
CA PHE B 54 -37.60 -11.40 -30.44
C PHE B 54 -36.66 -11.24 -29.28
N THR B 55 -36.15 -12.35 -28.76
CA THR B 55 -35.28 -12.29 -27.59
C THR B 55 -33.91 -12.89 -27.83
N ILE B 56 -32.95 -12.43 -27.05
CA ILE B 56 -31.66 -13.09 -26.97
C ILE B 56 -31.47 -13.41 -25.51
N LYS B 57 -31.22 -14.69 -25.20
CA LYS B 57 -30.95 -15.09 -23.83
C LYS B 57 -29.52 -15.60 -23.72
N TYR B 58 -29.02 -15.68 -22.49
CA TYR B 58 -27.67 -16.17 -22.32
C TYR B 58 -27.51 -16.94 -21.01
N SER B 59 -26.54 -17.84 -20.97
CA SER B 59 -26.37 -18.75 -19.83
C SER B 59 -25.98 -18.02 -18.55
N ASP B 60 -26.07 -18.72 -17.41
CA ASP B 60 -25.66 -18.16 -16.13
C ASP B 60 -24.17 -17.80 -16.08
N THR B 61 -23.37 -18.43 -16.93
CA THR B 61 -21.95 -18.14 -17.04
C THR B 61 -21.62 -16.95 -17.95
N VAL B 62 -22.65 -16.30 -18.49
CA VAL B 62 -22.50 -15.10 -19.32
C VAL B 62 -23.13 -13.85 -18.71
N GLN B 63 -22.44 -12.71 -18.81
CA GLN B 63 -23.02 -11.41 -18.50
C GLN B 63 -22.65 -10.41 -19.59
N VAL B 64 -23.42 -9.34 -19.74
CA VAL B 64 -23.23 -8.47 -20.91
C VAL B 64 -22.53 -7.15 -20.54
N TYR B 65 -22.02 -7.10 -19.33
CA TYR B 65 -21.28 -5.92 -18.87
C TYR B 65 -20.01 -6.36 -18.18
N GLY B 66 -19.08 -5.43 -18.05
CA GLY B 66 -17.84 -5.72 -17.34
C GLY B 66 -17.83 -5.04 -16.00
N LEU B 67 -16.87 -4.16 -15.79
CA LEU B 67 -16.73 -3.50 -14.51
C LEU B 67 -17.77 -2.39 -14.32
N ASN B 68 -18.23 -1.84 -15.45
CA ASN B 68 -19.20 -0.75 -15.42
C ASN B 68 -20.59 -1.22 -15.83
N PRO B 69 -21.49 -1.36 -14.85
CA PRO B 69 -22.88 -1.72 -15.14
C PRO B 69 -23.68 -0.53 -15.64
N GLU B 70 -23.06 0.29 -16.48
CA GLU B 70 -23.74 1.33 -17.26
C GLU B 70 -23.46 1.09 -18.73
N ASP B 71 -22.34 0.42 -19.00
CA ASP B 71 -21.86 0.25 -20.37
C ASP B 71 -22.61 -0.82 -21.15
N ILE B 72 -23.70 -1.33 -20.60
CA ILE B 72 -24.41 -2.38 -21.30
C ILE B 72 -25.12 -1.89 -22.58
N LYS B 73 -24.58 -0.82 -23.18
CA LYS B 73 -25.02 -0.40 -24.50
C LYS B 73 -23.95 -0.07 -25.55
N ASN B 74 -23.07 -1.03 -25.83
CA ASN B 74 -22.63 -1.23 -27.19
C ASN B 74 -23.47 -2.40 -27.63
N ILE B 75 -24.40 -2.76 -26.74
CA ILE B 75 -25.45 -3.72 -27.00
C ILE B 75 -26.79 -2.98 -26.93
N GLY B 76 -27.18 -2.43 -28.06
CA GLY B 76 -28.35 -1.59 -28.12
C GLY B 76 -29.16 -1.83 -29.37
N ASP B 77 -29.77 -0.77 -29.89
CA ASP B 77 -30.65 -0.94 -31.04
C ASP B 77 -29.92 -1.55 -32.24
N ILE B 78 -30.63 -2.37 -33.01
CA ILE B 78 -30.07 -2.96 -34.23
C ILE B 78 -30.41 -2.07 -35.42
N LYS B 79 -29.37 -1.66 -36.13
CA LYS B 79 -29.52 -0.73 -37.27
C LYS B 79 -29.09 -1.34 -38.59
N ASP B 80 -29.66 -0.84 -39.69
CA ASP B 80 -29.23 -1.26 -41.01
C ASP B 80 -28.07 -0.35 -41.37
N PRO B 81 -26.88 -0.92 -41.62
CA PRO B 81 -25.69 -0.09 -41.81
C PRO B 81 -25.65 0.62 -43.15
N ASN B 82 -26.58 0.27 -44.03
CA ASN B 82 -26.65 0.84 -45.37
C ASN B 82 -27.47 2.12 -45.43
N ASN B 83 -28.30 2.35 -44.42
CA ASN B 83 -29.15 3.53 -44.39
C ASN B 83 -29.31 4.13 -43.00
N GLY B 84 -28.73 3.46 -42.01
CA GLY B 84 -28.73 3.97 -40.66
C GLY B 84 -30.06 3.87 -39.94
N GLU B 85 -31.04 3.23 -40.57
CA GLU B 85 -32.36 3.11 -39.95
C GLU B 85 -32.34 2.06 -38.84
N THR B 86 -33.12 2.30 -37.80
CA THR B 86 -33.26 1.31 -36.72
C THR B 86 -34.25 0.21 -37.13
N ILE B 87 -33.83 -1.06 -36.97
CA ILE B 87 -34.67 -2.22 -37.35
C ILE B 87 -35.41 -2.69 -36.10
N ALA B 88 -34.72 -2.69 -34.97
CA ALA B 88 -35.35 -3.08 -33.72
C ALA B 88 -34.69 -2.37 -32.55
N THR B 89 -35.48 -2.05 -31.54
CA THR B 89 -35.00 -1.34 -30.36
C THR B 89 -34.79 -2.32 -29.22
N ALA B 90 -33.67 -2.15 -28.51
CA ALA B 90 -33.29 -3.10 -27.45
C ALA B 90 -33.68 -2.68 -26.03
N LYS B 91 -34.15 -3.65 -25.24
CA LYS B 91 -34.37 -3.44 -23.81
C LYS B 91 -33.78 -4.62 -23.07
N HIS B 92 -33.00 -4.34 -22.03
CA HIS B 92 -32.33 -5.40 -21.25
C HIS B 92 -33.08 -5.74 -19.98
N ASP B 93 -33.03 -7.01 -19.60
CA ASP B 93 -33.38 -7.45 -18.26
C ASP B 93 -32.22 -8.30 -17.77
N THR B 94 -31.15 -7.65 -17.30
CA THR B 94 -29.93 -8.39 -17.04
C THR B 94 -30.13 -9.36 -15.90
N ALA B 95 -31.04 -9.03 -15.00
CA ALA B 95 -31.27 -9.86 -13.83
C ALA B 95 -31.77 -11.23 -14.24
N ASN B 96 -32.40 -11.28 -15.42
CA ASN B 96 -32.97 -12.50 -15.96
C ASN B 96 -32.31 -12.96 -17.27
N ASN B 97 -31.08 -12.47 -17.47
CA ASN B 97 -30.21 -12.87 -18.58
C ASN B 97 -30.93 -12.77 -19.91
N LEU B 98 -31.52 -11.61 -20.15
CA LEU B 98 -32.45 -11.43 -21.28
C LEU B 98 -32.28 -10.10 -21.98
N ILE B 99 -32.28 -10.13 -23.30
CA ILE B 99 -32.41 -8.91 -24.12
C ILE B 99 -33.62 -9.08 -25.01
N THR B 100 -34.45 -8.03 -25.14
CA THR B 100 -35.66 -8.10 -25.95
C THR B 100 -35.60 -7.01 -26.99
N TYR B 101 -35.73 -7.41 -28.24
CA TYR B 101 -35.68 -6.47 -29.38
C TYR B 101 -37.03 -6.30 -30.02
N THR B 102 -37.49 -5.06 -30.15
CA THR B 102 -38.83 -4.81 -30.67
C THR B 102 -38.71 -4.17 -32.06
N PHE B 103 -39.30 -4.81 -33.05
CA PHE B 103 -39.20 -4.35 -34.43
C PHE B 103 -39.93 -3.03 -34.64
N THR B 104 -39.33 -2.16 -35.45
CA THR B 104 -39.91 -0.88 -35.79
C THR B 104 -40.66 -1.00 -37.11
N ASP B 105 -41.10 0.13 -37.66
CA ASP B 105 -41.78 0.14 -38.96
C ASP B 105 -40.89 -0.33 -40.10
N TYR B 106 -39.58 -0.44 -39.85
CA TYR B 106 -38.65 -0.96 -40.86
C TYR B 106 -39.11 -2.29 -41.46
N VAL B 107 -39.62 -3.20 -40.62
CA VAL B 107 -40.03 -4.50 -41.11
C VAL B 107 -41.37 -4.52 -41.86
N ASP B 108 -42.11 -3.41 -41.83
CA ASP B 108 -43.30 -3.25 -42.66
C ASP B 108 -42.88 -2.75 -44.05
N ARG B 109 -41.82 -1.95 -44.08
CA ARG B 109 -41.39 -1.31 -45.34
C ARG B 109 -40.43 -2.16 -46.15
N PHE B 110 -39.54 -2.89 -45.47
CA PHE B 110 -38.55 -3.73 -46.11
C PHE B 110 -38.98 -5.20 -46.09
N ASN B 111 -38.78 -5.91 -47.20
CA ASN B 111 -38.87 -7.38 -47.18
C ASN B 111 -37.46 -7.95 -47.10
N SER B 112 -37.36 -9.27 -46.90
CA SER B 112 -36.08 -9.95 -46.71
C SER B 112 -35.20 -9.22 -45.69
N VAL B 113 -35.78 -8.89 -44.54
CA VAL B 113 -35.07 -8.16 -43.50
C VAL B 113 -33.93 -9.01 -42.96
N GLN B 114 -32.74 -8.42 -42.84
CA GLN B 114 -31.60 -9.12 -42.25
C GLN B 114 -30.89 -8.19 -41.28
N GLY B 116 -27.46 -7.71 -38.45
CA GLY B 116 -26.18 -8.19 -37.95
C GLY B 116 -25.96 -7.74 -36.52
N ILE B 117 -25.44 -8.63 -35.68
CA ILE B 117 -24.92 -8.23 -34.37
C ILE B 117 -23.48 -8.68 -34.21
N ASN B 118 -22.70 -7.84 -33.55
CA ASN B 118 -21.30 -8.09 -33.29
C ASN B 118 -21.03 -7.54 -31.90
N TYR B 119 -21.13 -8.41 -30.90
CA TYR B 119 -21.09 -7.97 -29.51
C TYR B 119 -19.91 -8.59 -28.78
N SER B 120 -19.33 -7.84 -27.84
CA SER B 120 -18.38 -8.44 -26.90
C SER B 120 -19.12 -8.60 -25.59
N ILE B 121 -19.18 -9.83 -25.09
CA ILE B 121 -19.85 -10.10 -23.83
C ILE B 121 -18.88 -10.83 -22.93
N TYR B 122 -19.28 -11.11 -21.70
CA TYR B 122 -18.31 -11.47 -20.67
C TYR B 122 -18.67 -12.73 -19.91
N ASP B 124 -19.30 -14.61 -16.48
CA ASP B 124 -19.83 -14.32 -15.14
C ASP B 124 -19.25 -15.35 -14.17
N ALA B 125 -18.48 -14.86 -13.21
CA ALA B 125 -17.80 -15.76 -12.28
C ALA B 125 -18.66 -16.31 -11.17
N ASP B 126 -19.92 -15.87 -11.07
CA ASP B 126 -20.81 -16.33 -10.00
C ASP B 126 -20.81 -17.86 -9.82
N THR B 127 -20.92 -18.62 -10.90
CA THR B 127 -20.95 -20.08 -10.83
C THR B 127 -19.63 -20.73 -11.19
N ILE B 128 -18.57 -19.93 -11.17
CA ILE B 128 -17.22 -20.39 -11.50
C ILE B 128 -16.25 -20.01 -10.38
N PRO B 129 -16.41 -20.62 -9.19
CA PRO B 129 -15.59 -20.18 -8.06
C PRO B 129 -14.14 -20.62 -8.14
N VAL B 130 -13.84 -21.65 -8.92
CA VAL B 130 -12.47 -22.14 -9.04
C VAL B 130 -12.15 -22.54 -10.45
N SER B 131 -10.85 -22.66 -10.74
CA SER B 131 -10.40 -23.14 -12.04
C SER B 131 -11.08 -24.45 -12.39
N LYS B 132 -11.54 -24.56 -13.64
CA LYS B 132 -12.31 -25.71 -14.08
C LYS B 132 -12.21 -25.86 -15.59
N ASN B 133 -12.12 -27.10 -16.07
CA ASN B 133 -12.08 -27.37 -17.50
C ASN B 133 -13.48 -27.43 -18.13
N ASP B 134 -13.55 -27.09 -19.41
CA ASP B 134 -14.78 -27.22 -20.19
C ASP B 134 -16.02 -26.53 -19.59
N VAL B 135 -15.84 -25.33 -19.04
CA VAL B 135 -16.98 -24.57 -18.55
C VAL B 135 -17.77 -24.12 -19.76
N GLU B 136 -19.10 -24.25 -19.73
CA GLU B 136 -19.89 -23.90 -20.92
C GLU B 136 -20.47 -22.48 -20.85
N PHE B 137 -20.43 -21.77 -21.98
CA PHE B 137 -21.08 -20.48 -22.18
C PHE B 137 -22.01 -20.64 -23.37
N ASN B 138 -23.24 -20.17 -23.25
CA ASN B 138 -24.14 -20.21 -24.41
C ASN B 138 -25.04 -18.99 -24.54
N VAL B 139 -25.49 -18.75 -25.76
CA VAL B 139 -26.43 -17.68 -26.08
C VAL B 139 -27.52 -18.31 -26.95
N THR B 140 -28.76 -17.86 -26.73
CA THR B 140 -29.89 -18.32 -27.52
C THR B 140 -30.50 -17.15 -28.27
N ILE B 141 -30.42 -17.18 -29.60
CA ILE B 141 -30.96 -16.09 -30.41
C ILE B 141 -32.27 -16.61 -30.99
N GLY B 142 -33.38 -16.01 -30.59
CA GLY B 142 -34.67 -16.60 -30.89
C GLY B 142 -34.77 -17.93 -30.16
N ASN B 143 -34.96 -19.01 -30.90
CA ASN B 143 -35.00 -20.34 -30.28
C ASN B 143 -33.72 -21.13 -30.48
N ASP B 144 -32.72 -20.52 -31.12
CA ASP B 144 -31.50 -21.25 -31.49
C ASP B 144 -30.31 -20.95 -30.57
N THR B 145 -29.76 -22.00 -29.97
CA THR B 145 -28.67 -21.86 -29.00
C THR B 145 -27.32 -22.19 -29.61
N THR B 146 -26.32 -21.35 -29.33
CA THR B 146 -24.94 -21.59 -29.72
C THR B 146 -24.11 -21.72 -28.44
N LYS B 147 -23.27 -22.76 -28.38
CA LYS B 147 -22.47 -23.05 -27.19
C LYS B 147 -21.00 -23.03 -27.52
N THR B 148 -20.20 -22.65 -26.53
CA THR B 148 -18.77 -22.89 -26.60
C THR B 148 -18.25 -23.22 -25.21
N THR B 149 -17.01 -23.69 -25.12
CA THR B 149 -16.43 -24.02 -23.83
C THR B 149 -15.02 -23.45 -23.71
N ALA B 150 -14.55 -23.30 -22.47
CA ALA B 150 -13.20 -22.84 -22.22
C ALA B 150 -12.69 -23.49 -20.94
N ASN B 151 -11.38 -23.68 -20.87
CA ASN B 151 -10.77 -24.10 -19.62
C ASN B 151 -10.45 -22.85 -18.80
N ILE B 152 -11.16 -22.65 -17.70
CA ILE B 152 -10.94 -21.46 -16.90
C ILE B 152 -9.79 -21.73 -15.96
N GLN B 153 -8.76 -20.90 -16.04
CA GLN B 153 -7.56 -21.05 -15.20
C GLN B 153 -7.27 -19.74 -14.52
N TYR B 154 -7.74 -19.60 -13.28
CA TYR B 154 -7.50 -18.39 -12.53
C TYR B 154 -6.06 -18.34 -12.08
N PRO B 155 -5.49 -17.13 -12.03
CA PRO B 155 -4.11 -16.98 -11.55
C PRO B 155 -4.02 -17.28 -10.08
N ASP B 156 -2.83 -17.67 -9.63
CA ASP B 156 -2.60 -17.91 -8.22
C ASP B 156 -2.72 -16.61 -7.44
N TYR B 157 -3.07 -16.74 -6.16
CA TYR B 157 -2.99 -15.59 -5.28
C TYR B 157 -1.52 -15.19 -5.18
N VAL B 158 -1.26 -13.95 -4.76
CA VAL B 158 0.11 -13.46 -4.61
C VAL B 158 0.62 -13.94 -3.26
N SER B 159 1.75 -14.64 -3.25
CA SER B 159 2.28 -15.16 -1.98
C SER B 159 3.75 -14.86 -1.81
N ARG B 160 4.14 -14.61 -0.57
CA ARG B 160 5.54 -14.37 -0.22
C ARG B 160 5.70 -14.88 1.21
N ASP B 161 6.53 -15.90 1.39
CA ASP B 161 6.62 -16.56 2.69
C ASP B 161 5.22 -17.02 3.13
N ASN B 162 4.79 -16.67 4.34
CA ASN B 162 3.46 -17.08 4.81
C ASN B 162 2.34 -16.09 4.52
N ASN B 163 2.67 -14.97 3.88
CA ASN B 163 1.67 -13.97 3.51
C ASN B 163 1.08 -14.30 2.15
N SER B 164 -0.24 -14.15 2.03
CA SER B 164 -0.92 -14.33 0.75
C SER B 164 -2.03 -13.31 0.63
N ILE B 165 -2.32 -12.88 -0.59
CA ILE B 165 -3.29 -11.83 -0.81
C ILE B 165 -3.82 -11.88 -2.25
N GLY B 166 -5.00 -11.32 -2.47
CA GLY B 166 -5.55 -11.20 -3.81
C GLY B 166 -6.49 -10.01 -3.88
N SER B 167 -6.72 -9.47 -5.08
CA SER B 167 -7.63 -8.34 -5.19
C SER B 167 -8.21 -8.19 -6.58
N ALA B 168 -9.37 -7.55 -6.66
CA ALA B 168 -9.96 -7.17 -7.94
C ALA B 168 -10.87 -5.97 -7.75
N PHE B 169 -10.94 -5.09 -8.73
CA PHE B 169 -12.04 -4.16 -8.77
C PHE B 169 -13.30 -4.94 -9.11
N THR B 170 -14.41 -4.60 -8.47
CA THR B 170 -15.66 -5.29 -8.79
C THR B 170 -16.66 -4.41 -9.56
N GLU B 171 -16.56 -3.11 -9.37
CA GLU B 171 -17.49 -2.14 -9.96
C GLU B 171 -16.73 -0.82 -10.16
N THR B 172 -16.78 -0.26 -11.36
CA THR B 172 -16.12 1.03 -11.63
C THR B 172 -17.00 1.89 -12.52
N VAL B 173 -17.51 2.98 -11.98
CA VAL B 173 -18.29 3.90 -12.81
C VAL B 173 -17.81 5.36 -12.70
N SER B 174 -17.09 5.79 -13.73
CA SER B 174 -16.59 7.16 -13.79
C SER B 174 -17.45 7.99 -14.73
N HIS B 175 -17.83 9.18 -14.28
CA HIS B 175 -18.63 10.09 -15.09
C HIS B 175 -17.77 11.25 -15.59
N ALA B 176 -17.33 11.16 -16.84
CA ALA B 176 -16.39 12.15 -17.36
C ALA B 176 -17.03 13.54 -17.45
N GLY B 177 -16.32 14.55 -16.99
CA GLY B 177 -16.78 15.92 -17.05
C GLY B 177 -17.93 16.27 -16.12
N ASN B 178 -18.33 15.32 -15.28
CA ASN B 178 -19.40 15.58 -14.33
C ASN B 178 -18.84 15.97 -12.97
N ALA B 179 -19.00 17.24 -12.61
CA ALA B 179 -18.47 17.78 -11.36
C ALA B 179 -19.31 17.39 -10.16
N GLU B 180 -20.61 17.24 -10.36
CA GLU B 180 -21.54 16.92 -9.28
C GLU B 180 -21.40 15.48 -8.82
N ASP B 181 -21.06 14.59 -9.75
CA ASP B 181 -20.88 13.19 -9.43
C ASP B 181 -19.89 12.54 -10.39
N PRO B 182 -18.59 12.59 -10.02
CA PRO B 182 -17.50 12.05 -10.84
C PRO B 182 -17.52 10.53 -10.80
N GLY B 183 -18.24 9.95 -9.84
CA GLY B 183 -18.43 8.51 -9.83
C GLY B 183 -17.80 7.81 -8.64
N TYR B 184 -17.77 6.48 -8.70
CA TYR B 184 -17.30 5.67 -7.60
C TYR B 184 -16.67 4.38 -8.11
N TYR B 185 -15.91 3.69 -7.26
CA TYR B 185 -15.46 2.36 -7.60
C TYR B 185 -15.28 1.46 -6.39
N LYS B 186 -15.37 0.16 -6.61
CA LYS B 186 -15.28 -0.80 -5.51
C LYS B 186 -14.16 -1.81 -5.73
N GLN B 187 -13.41 -2.10 -4.67
CA GLN B 187 -12.34 -3.08 -4.73
C GLN B 187 -12.53 -4.10 -3.61
N THR B 188 -12.34 -5.37 -3.94
CA THR B 188 -12.36 -6.43 -2.95
C THR B 188 -10.97 -7.00 -2.80
N VAL B 189 -10.54 -7.18 -1.56
CA VAL B 189 -9.24 -7.73 -1.25
C VAL B 189 -9.45 -9.01 -0.44
N TYR B 190 -8.83 -10.10 -0.86
CA TYR B 190 -8.79 -11.32 -0.06
C TYR B 190 -7.51 -11.34 0.77
N VAL B 191 -7.66 -11.34 2.10
CA VAL B 191 -6.50 -11.36 3.00
C VAL B 191 -6.27 -12.77 3.53
N ASN B 192 -5.02 -13.23 3.48
CA ASN B 192 -4.67 -14.57 3.97
C ASN B 192 -5.50 -15.72 3.36
N PRO B 193 -5.65 -15.76 2.02
CA PRO B 193 -6.46 -16.87 1.48
C PRO B 193 -5.85 -18.25 1.74
N SER B 194 -4.55 -18.29 2.01
CA SER B 194 -3.86 -19.53 2.33
C SER B 194 -4.15 -20.03 3.75
N GLU B 195 -4.82 -19.20 4.55
CA GLU B 195 -5.25 -19.59 5.90
C GLU B 195 -4.10 -19.98 6.83
N LYS B 196 -3.05 -19.15 6.79
CA LYS B 196 -1.89 -19.30 7.65
C LYS B 196 -2.15 -18.62 8.99
N SER B 197 -1.42 -19.05 10.01
CA SER B 197 -1.48 -18.35 11.29
C SER B 197 -0.50 -17.17 11.26
N LEU B 198 -1.05 -15.96 11.30
CA LEU B 198 -0.25 -14.73 11.19
C LEU B 198 -0.29 -13.93 12.49
N THR B 199 0.81 -13.27 12.83
CA THR B 199 0.81 -12.33 13.94
C THR B 199 1.13 -10.92 13.47
N ASN B 200 0.56 -9.93 14.14
CA ASN B 200 0.71 -8.53 13.77
C ASN B 200 0.43 -8.34 12.28
N ALA B 201 -0.65 -8.94 11.81
CA ALA B 201 -1.01 -8.82 10.39
C ALA B 201 -1.63 -7.47 10.14
N LYS B 202 -1.17 -6.77 9.11
CA LYS B 202 -1.72 -5.47 8.75
C LYS B 202 -1.93 -5.36 7.25
N LEU B 203 -3.06 -4.76 6.87
CA LEU B 203 -3.38 -4.49 5.47
C LEU B 203 -3.29 -2.99 5.19
N LYS B 204 -2.54 -2.61 4.15
CA LYS B 204 -2.54 -1.22 3.70
C LYS B 204 -3.08 -1.12 2.29
N VAL B 205 -4.17 -0.37 2.12
CA VAL B 205 -4.74 -0.11 0.79
C VAL B 205 -4.39 1.31 0.40
N GLU B 206 -3.90 1.49 -0.82
CA GLU B 206 -3.54 2.83 -1.27
C GLU B 206 -3.85 3.08 -2.74
N ALA B 207 -4.50 4.21 -2.99
CA ALA B 207 -4.74 4.70 -4.33
C ALA B 207 -3.56 5.56 -4.76
N TYR B 208 -2.40 4.93 -4.83
CA TYR B 208 -1.16 5.60 -5.16
C TYR B 208 -0.16 4.64 -5.81
N HIS B 209 0.47 5.11 -6.86
CA HIS B 209 1.56 4.38 -7.50
C HIS B 209 2.44 5.34 -8.29
N LYS B 210 3.75 5.19 -8.16
CA LYS B 210 4.68 6.13 -8.82
C LYS B 210 4.63 6.10 -10.36
N ASP B 211 4.12 5.02 -10.94
CA ASP B 211 4.06 4.95 -12.40
C ASP B 211 2.79 5.60 -12.96
N TYR B 212 1.95 6.14 -12.06
CA TYR B 212 0.64 6.65 -12.45
C TYR B 212 0.22 7.97 -11.77
N PRO B 213 0.91 9.09 -12.10
CA PRO B 213 0.54 10.38 -11.51
C PRO B 213 -0.85 10.81 -11.96
N ASP B 214 -1.29 10.25 -13.08
CA ASP B 214 -2.61 10.41 -13.67
C ASP B 214 -3.78 9.86 -12.84
N ASN B 215 -3.45 9.08 -11.81
CA ASN B 215 -4.42 8.37 -10.98
C ASN B 215 -5.61 9.19 -10.51
N VAL B 216 -6.81 8.66 -10.70
CA VAL B 216 -8.03 9.34 -10.33
C VAL B 216 -8.66 8.60 -9.14
N GLY B 217 -7.94 7.62 -8.62
CA GLY B 217 -8.34 6.95 -7.41
C GLY B 217 -8.22 7.84 -6.20
N GLN B 218 -8.94 7.51 -5.13
CA GLN B 218 -8.99 8.38 -3.97
C GLN B 218 -9.33 7.58 -2.71
N ILE B 219 -8.57 7.80 -1.63
CA ILE B 219 -8.80 7.10 -0.36
C ILE B 219 -8.64 8.06 0.83
N ASN B 220 -9.72 8.26 1.59
CA ASN B 220 -9.67 9.07 2.81
C ASN B 220 -10.90 8.86 3.68
N LYS B 221 -10.85 9.30 4.94
CA LYS B 221 -11.97 9.13 5.88
C LYS B 221 -13.28 9.68 5.34
N ASP B 222 -13.18 10.59 4.38
CA ASP B 222 -14.33 11.35 3.91
C ASP B 222 -15.15 10.62 2.83
N VAL B 223 -14.46 9.95 1.91
CA VAL B 223 -15.12 9.34 0.75
C VAL B 223 -15.04 7.82 0.70
N THR B 224 -14.30 7.24 1.63
CA THR B 224 -14.04 5.80 1.60
C THR B 224 -14.84 5.03 2.63
N LYS B 225 -15.50 3.97 2.18
CA LYS B 225 -16.21 3.06 3.08
C LYS B 225 -15.68 1.63 3.02
N ILE B 226 -15.46 1.03 4.18
CA ILE B 226 -14.87 -0.29 4.25
C ILE B 226 -15.75 -1.30 5.00
N LYS B 227 -15.90 -2.49 4.43
CA LYS B 227 -16.53 -3.62 5.12
C LYS B 227 -15.56 -4.78 5.18
N ILE B 228 -15.57 -5.50 6.29
CA ILE B 228 -14.67 -6.63 6.48
C ILE B 228 -15.44 -7.88 6.91
N TYR B 229 -15.22 -8.97 6.17
CA TYR B 229 -15.88 -10.24 6.47
C TYR B 229 -14.87 -11.31 6.78
N GLN B 230 -15.22 -12.19 7.72
CA GLN B 230 -14.39 -13.34 8.04
C GLN B 230 -14.94 -14.60 7.39
N ALA B 231 -14.10 -15.35 6.68
CA ALA B 231 -14.53 -16.64 6.12
C ALA B 231 -14.22 -17.76 7.10
N PRO B 232 -15.17 -18.69 7.26
CA PRO B 232 -14.91 -19.88 8.07
C PRO B 232 -13.75 -20.69 7.51
N LYS B 233 -13.11 -21.48 8.37
CA LYS B 233 -11.99 -22.32 7.97
C LYS B 233 -12.31 -23.24 6.78
N ASP B 234 -11.40 -23.28 5.81
CA ASP B 234 -11.52 -24.11 4.61
C ASP B 234 -12.61 -23.66 3.62
N TYR B 235 -13.25 -22.53 3.89
CA TYR B 235 -14.22 -21.97 2.97
C TYR B 235 -13.53 -21.67 1.62
N VAL B 236 -14.19 -22.07 0.55
CA VAL B 236 -13.68 -21.84 -0.80
C VAL B 236 -14.12 -20.49 -1.34
N LEU B 237 -13.17 -19.57 -1.41
CA LEU B 237 -13.41 -18.24 -1.93
C LEU B 237 -13.52 -18.28 -3.43
N ASN B 238 -14.47 -17.51 -3.95
CA ASN B 238 -14.67 -17.33 -5.39
C ASN B 238 -13.47 -16.63 -6.01
N LYS B 239 -12.78 -17.31 -6.93
CA LYS B 239 -11.55 -16.75 -7.49
C LYS B 239 -11.82 -15.60 -8.46
N GLY B 240 -13.08 -15.41 -8.80
CA GLY B 240 -13.46 -14.31 -9.68
C GLY B 240 -13.91 -13.11 -8.88
N TYR B 241 -13.77 -13.19 -7.55
CA TYR B 241 -14.11 -12.11 -6.64
C TYR B 241 -15.59 -11.76 -6.67
N ASP B 242 -16.41 -12.76 -6.99
CA ASP B 242 -17.86 -12.63 -6.94
C ASP B 242 -18.27 -13.21 -5.60
N VAL B 243 -18.45 -12.35 -4.62
CA VAL B 243 -18.58 -12.76 -3.23
C VAL B 243 -20.03 -12.87 -2.78
N ASN B 244 -20.36 -14.00 -2.15
CA ASN B 244 -21.63 -14.17 -1.49
C ASN B 244 -21.46 -13.78 -0.03
N THR B 245 -21.70 -12.52 0.28
CA THR B 245 -21.45 -11.96 1.61
C THR B 245 -22.32 -12.61 2.68
N ASN B 246 -23.41 -13.23 2.28
CA ASN B 246 -24.30 -13.87 3.25
C ASN B 246 -23.74 -15.19 3.77
N GLN B 247 -22.76 -15.74 3.06
CA GLN B 247 -22.10 -16.96 3.53
C GLN B 247 -20.92 -16.64 4.44
N LEU B 248 -20.65 -15.36 4.62
CA LEU B 248 -19.52 -14.92 5.44
C LEU B 248 -19.98 -14.18 6.69
N ILE B 249 -19.08 -14.09 7.67
CA ILE B 249 -19.39 -13.40 8.93
C ILE B 249 -18.98 -11.94 8.85
N ASP B 250 -19.95 -11.04 8.94
CA ASP B 250 -19.67 -9.61 8.98
C ASP B 250 -18.99 -9.25 10.31
N VAL B 251 -17.72 -8.88 10.22
CA VAL B 251 -16.88 -8.62 11.38
C VAL B 251 -16.48 -7.13 11.38
N THR B 252 -17.19 -6.36 10.57
CA THR B 252 -16.88 -4.94 10.37
C THR B 252 -16.83 -4.15 11.69
N GLU B 253 -17.85 -4.31 12.53
CA GLU B 253 -17.93 -3.56 13.78
C GLU B 253 -16.77 -3.82 14.73
N GLN B 254 -16.12 -4.98 14.58
CA GLN B 254 -14.96 -5.31 15.40
C GLN B 254 -13.70 -4.59 14.94
N PHE B 255 -13.79 -3.84 13.85
CA PHE B 255 -12.62 -3.18 13.28
C PHE B 255 -12.73 -1.66 13.29
N LYS B 256 -13.79 -1.12 13.89
CA LYS B 256 -13.98 0.32 13.97
C LYS B 256 -12.79 1.03 14.61
N ASP B 257 -12.05 0.31 15.44
CA ASP B 257 -10.88 0.87 16.11
C ASP B 257 -9.58 0.30 15.55
N LYS B 258 -9.64 -0.28 14.35
CA LYS B 258 -8.45 -0.86 13.72
C LYS B 258 -8.26 -0.33 12.30
N ILE B 259 -9.03 0.69 11.93
CA ILE B 259 -8.94 1.30 10.60
C ILE B 259 -8.38 2.73 10.69
N THR B 260 -7.18 2.92 10.15
CA THR B 260 -6.48 4.20 10.23
C THR B 260 -6.16 4.76 8.84
N TYR B 261 -6.57 5.99 8.58
CA TYR B 261 -6.23 6.65 7.33
C TYR B 261 -4.85 7.33 7.42
N GLY B 262 -4.12 7.29 6.32
CA GLY B 262 -2.77 7.82 6.28
C GLY B 262 -2.49 8.71 5.09
N ALA B 263 -1.23 9.09 4.94
CA ALA B 263 -0.84 10.01 3.87
C ALA B 263 -0.86 9.33 2.52
N ASN B 264 -0.93 10.15 1.47
CA ASN B 264 -0.86 9.69 0.10
C ASN B 264 -1.90 8.63 -0.24
N ASP B 265 -3.15 8.94 0.12
CA ASP B 265 -4.31 8.13 -0.24
C ASP B 265 -4.22 6.70 0.28
N SER B 266 -3.89 6.59 1.56
CA SER B 266 -3.67 5.31 2.23
C SER B 266 -4.75 5.05 3.26
N VAL B 267 -5.01 3.77 3.49
CA VAL B 267 -5.82 3.32 4.63
C VAL B 267 -5.21 2.04 5.21
N ASN B 268 -5.23 1.91 6.53
CA ASN B 268 -4.60 0.77 7.19
C ASN B 268 -5.61 -0.02 8.01
N VAL B 269 -5.51 -1.35 7.96
CA VAL B 269 -6.38 -2.21 8.77
C VAL B 269 -5.54 -3.16 9.60
N ASP B 270 -5.68 -3.08 10.92
CA ASP B 270 -4.90 -3.94 11.80
C ASP B 270 -5.68 -5.21 12.11
N PHE B 271 -5.16 -6.33 11.62
CA PHE B 271 -5.83 -7.63 11.82
C PHE B 271 -5.32 -8.37 13.05
N GLY B 272 -4.17 -7.95 13.56
CA GLY B 272 -3.57 -8.63 14.71
C GLY B 272 -3.24 -10.08 14.40
N SER B 273 -3.61 -10.99 15.30
CA SER B 273 -3.37 -12.40 15.09
C SER B 273 -4.56 -13.06 14.43
N ILE B 274 -4.36 -13.59 13.22
CA ILE B 274 -5.43 -14.27 12.49
C ILE B 274 -4.98 -15.61 11.95
N ASN B 275 -5.93 -16.54 11.79
CA ASN B 275 -5.63 -17.76 11.05
C ASN B 275 -6.70 -18.06 9.98
N ASN B 276 -7.67 -17.16 9.84
CA ASN B 276 -8.70 -17.28 8.80
C ASN B 276 -8.41 -16.36 7.63
N SER B 277 -9.17 -16.60 6.55
CA SER B 277 -9.18 -15.70 5.40
C SER B 277 -10.17 -14.58 5.67
N TYR B 278 -9.90 -13.40 5.13
CA TYR B 278 -10.80 -12.27 5.33
C TYR B 278 -11.07 -11.60 4.00
N VAL B 279 -12.30 -11.11 3.84
CA VAL B 279 -12.69 -10.41 2.62
C VAL B 279 -12.92 -8.94 2.97
N VAL B 280 -12.07 -8.08 2.42
CA VAL B 280 -12.21 -6.66 2.67
C VAL B 280 -12.77 -5.96 1.44
N VAL B 282 -13.77 -2.40 -0.27
CA VAL B 282 -13.46 -0.98 -0.18
C VAL B 282 -14.27 -0.19 -1.21
N ASP B 283 -15.13 0.71 -0.71
CA ASP B 283 -16.02 1.50 -1.55
C ASP B 283 -15.60 2.97 -1.45
N THR B 284 -15.29 3.60 -2.59
CA THR B 284 -14.79 4.97 -2.57
C THR B 284 -15.12 5.76 -3.85
N LYS B 285 -14.95 7.08 -3.79
CA LYS B 285 -15.32 7.98 -4.88
C LYS B 285 -14.15 8.36 -5.78
N PHE B 286 -14.38 8.30 -7.09
CA PHE B 286 -13.45 8.79 -8.10
C PHE B 286 -13.17 10.28 -7.93
N GLU B 287 -12.02 10.75 -8.40
CA GLU B 287 -11.78 12.19 -8.52
C GLU B 287 -12.42 12.67 -9.82
N TYR B 288 -12.54 13.98 -9.98
CA TYR B 288 -13.05 14.55 -11.23
C TYR B 288 -12.11 14.25 -12.39
N THR B 289 -12.68 13.90 -13.53
CA THR B 289 -11.88 13.75 -14.74
C THR B 289 -12.65 14.18 -15.98
N THR B 290 -11.93 14.60 -17.02
CA THR B 290 -12.56 14.76 -18.33
C THR B 290 -12.32 13.52 -19.20
N SER B 291 -11.47 12.62 -18.73
CA SER B 291 -11.11 11.44 -19.54
C SER B 291 -12.25 10.44 -19.66
N GLU B 292 -12.40 9.89 -20.86
CA GLU B 292 -13.38 8.83 -21.07
C GLU B 292 -12.81 7.49 -20.63
N SER B 293 -11.50 7.47 -20.38
CA SER B 293 -10.80 6.26 -19.92
C SER B 293 -9.70 6.62 -18.91
N PRO B 294 -10.12 7.01 -17.71
CA PRO B 294 -9.19 7.59 -16.73
C PRO B 294 -8.29 6.52 -16.14
N THR B 295 -7.12 6.95 -15.68
CA THR B 295 -6.18 6.05 -15.03
C THR B 295 -6.64 5.80 -13.61
N LEU B 296 -6.71 4.53 -13.20
CA LEU B 296 -7.05 4.19 -11.82
C LEU B 296 -6.15 3.05 -11.37
N VAL B 297 -5.40 3.26 -10.30
CA VAL B 297 -4.60 2.20 -9.70
C VAL B 297 -4.79 2.19 -8.20
N GLN B 298 -5.04 1.02 -7.62
CA GLN B 298 -5.18 0.90 -6.18
C GLN B 298 -4.50 -0.36 -5.71
N ALA B 300 -2.92 -3.05 -2.58
CA ALA B 300 -3.19 -3.64 -1.27
C ALA B 300 -2.00 -4.47 -0.82
N THR B 301 -1.50 -4.20 0.38
CA THR B 301 -0.32 -4.86 0.88
C THR B 301 -0.54 -5.45 2.27
N LEU B 302 -0.26 -6.74 2.40
CA LEU B 302 -0.32 -7.42 3.69
C LEU B 302 1.08 -7.57 4.26
N THR B 303 1.24 -7.16 5.51
CA THR B 303 2.48 -7.42 6.23
C THR B 303 2.13 -8.25 7.47
N SER B 304 3.10 -9.04 7.93
CA SER B 304 2.96 -9.76 9.20
C SER B 304 4.35 -10.09 9.76
N ASP B 305 4.42 -10.44 11.05
CA ASP B 305 5.71 -10.69 11.69
C ASP B 305 6.32 -11.98 11.15
N GLY B 306 7.62 -11.94 10.86
CA GLY B 306 8.34 -13.12 10.46
C GLY B 306 8.22 -13.44 8.98
N ASN B 307 7.54 -12.55 8.26
CA ASN B 307 7.33 -12.72 6.82
C ASN B 307 7.59 -11.46 6.03
N ARG B 308 8.06 -11.64 4.79
CA ARG B 308 8.16 -10.54 3.86
C ARG B 308 6.76 -10.13 3.44
N SER B 309 6.61 -8.87 3.07
CA SER B 309 5.31 -8.33 2.70
C SER B 309 4.87 -8.89 1.35
N VAL B 310 3.56 -8.82 1.11
CA VAL B 310 3.04 -9.26 -0.18
C VAL B 310 2.09 -8.20 -0.70
N SER B 311 2.14 -7.91 -2.01
CA SER B 311 1.34 -6.84 -2.57
C SER B 311 0.52 -7.30 -3.79
N THR B 312 -0.70 -6.82 -3.88
CA THR B 312 -1.52 -7.02 -5.07
C THR B 312 -2.06 -5.65 -5.45
N GLY B 313 -2.52 -5.51 -6.69
CA GLY B 313 -3.12 -4.26 -7.09
C GLY B 313 -3.98 -4.42 -8.32
N ASN B 314 -4.82 -3.43 -8.61
CA ASN B 314 -5.63 -3.46 -9.82
C ASN B 314 -5.56 -2.12 -10.49
N ALA B 315 -5.62 -2.13 -11.83
CA ALA B 315 -5.48 -0.90 -12.60
C ALA B 315 -6.53 -0.76 -13.68
N ALA B 316 -6.88 0.49 -13.99
CA ALA B 316 -7.64 0.85 -15.18
C ALA B 316 -6.82 1.84 -15.98
#